data_1E4K
#
_entry.id   1E4K
#
_cell.length_a   115.320
_cell.length_b   115.320
_cell.length_c   299.100
_cell.angle_alpha   90.00
_cell.angle_beta   90.00
_cell.angle_gamma   120.00
#
_symmetry.space_group_name_H-M   'P 65 2 2'
#
loop_
_entity.id
_entity.type
_entity.pdbx_description
1 polymer 'FC FRAGMENT OF HUMAN IGG1'
2 polymer 'LOW AFFINITY IMMUNOGLOBULIN GAMMA FC RECEPTOR III'
3 branched alpha-D-galactopyranose-(1-4)-2-acetamido-2-deoxy-beta-D-glucopyranose-(1-2)-alpha-D-mannopyranose-(1-6)-[2-acetamido-2-deoxy-beta-D-glucopyranose-(1-2)-alpha-D-mannopyranose-(1-3)]beta-D-mannopyranose-(1-4)-2-acetamido-2-deoxy-beta-D-glucopyranose-(1-4)-[alpha-L-fucopyranose-(1-6)]2-acetamido-2-deoxy-beta-D-glucopyranose
4 branched beta-D-galactopyranose-(1-4)-2-acetamido-2-deoxy-beta-D-glucopyranose-(1-2)-alpha-D-mannopyranose-(1-6)-[2-acetamido-2-deoxy-beta-D-glucopyranose-(1-2)-alpha-D-mannopyranose-(1-3)]beta-D-mannopyranose-(1-4)-2-acetamido-2-deoxy-beta-D-glucopyranose-(1-4)-[beta-L-fucopyranose-(1-6)]2-acetamido-2-deoxy-beta-D-glucopyranose
#
loop_
_entity_poly.entity_id
_entity_poly.type
_entity_poly.pdbx_seq_one_letter_code
_entity_poly.pdbx_strand_id
1 'polypeptide(L)'
;THTCPPCPAPELLGGPSVFLFPPKPKDTLMISRTPEVTCVVVDVSHEDPQVKFNWYVDGVQVHNAKTKPREQQYNSTYRV
VSVLTVLHQNWLDGKEYKCKVSNKALPAPIEKTISKAKGQPREPQVYTLPPSREEMTKNQVSLTCLVKGFYPSDIAVEWE
SNGQPENNYKTTPPVLDSDGSFFLYSKLTVDKSRWQQGNVFSCSVMHEALHNHYTQKSLSLSPGK
;
A,B
2 'polypeptide(L)'
;MRTEDLPKAVVFLEPQWYSVLEKDSVTLKCQGAYSPEDNSTQWFHNESLISSQASSYFIDAATVNDSGEYRCQTNLSTLS
DPVQLEVHIGWLLLQAPRWVFKEEDPIHLRCHSWKNTALHKVTYLQNGKDRKYFHHNSDFHIPKATLKDSGSYFCRGLVG
SKNVSSETVNITITQG
;
C
#
# COMPACT_ATOMS: atom_id res chain seq x y z
N CYS A 7 6.57 16.76 -20.77
CA CYS A 7 7.59 15.73 -20.65
C CYS A 7 7.72 14.65 -21.73
N PRO A 8 8.96 14.38 -22.18
CA PRO A 8 9.23 13.34 -23.18
C PRO A 8 9.60 12.06 -22.39
N ALA A 9 8.89 11.92 -21.25
CA ALA A 9 8.99 10.79 -20.30
C ALA A 9 9.63 11.20 -18.93
N PRO A 10 8.77 11.32 -17.88
CA PRO A 10 9.24 11.68 -16.49
C PRO A 10 10.29 10.78 -15.80
N GLU A 11 9.78 9.90 -14.88
CA GLU A 11 10.51 9.00 -14.01
C GLU A 11 11.16 9.75 -12.86
N LEU A 12 11.79 9.17 -11.80
CA LEU A 12 12.19 10.18 -10.78
C LEU A 12 12.73 9.82 -9.34
N LEU A 13 12.63 10.95 -8.58
CA LEU A 13 12.92 11.40 -7.21
C LEU A 13 12.94 10.51 -5.94
N GLY A 14 12.77 9.24 -6.00
CA GLY A 14 12.82 8.52 -4.75
C GLY A 14 13.53 7.23 -4.95
N GLY A 15 13.97 6.62 -3.88
CA GLY A 15 14.63 5.38 -4.15
C GLY A 15 13.76 4.50 -5.04
N PRO A 16 14.36 3.51 -5.67
CA PRO A 16 13.53 2.64 -6.48
C PRO A 16 12.79 1.93 -5.36
N SER A 17 11.54 1.56 -5.55
CA SER A 17 10.88 0.90 -4.45
C SER A 17 10.96 -0.59 -4.68
N VAL A 18 10.67 -1.36 -3.63
CA VAL A 18 10.78 -2.81 -3.74
C VAL A 18 9.63 -3.63 -3.16
N PHE A 19 9.17 -4.56 -3.99
CA PHE A 19 8.09 -5.49 -3.66
C PHE A 19 8.55 -6.94 -3.73
N LEU A 20 8.14 -7.73 -2.74
CA LEU A 20 8.55 -9.12 -2.71
C LEU A 20 7.39 -10.06 -2.44
N PHE A 21 7.15 -10.92 -3.43
CA PHE A 21 6.06 -11.87 -3.43
C PHE A 21 6.44 -13.25 -2.97
N PRO A 22 5.45 -14.01 -2.47
CA PRO A 22 5.70 -15.38 -2.00
C PRO A 22 5.49 -16.38 -3.12
N PRO A 23 5.78 -17.63 -2.82
CA PRO A 23 5.63 -18.73 -3.79
C PRO A 23 4.13 -18.94 -4.08
N LYS A 24 3.77 -19.71 -5.12
CA LYS A 24 2.34 -19.97 -5.40
C LYS A 24 1.93 -21.17 -4.53
N PRO A 25 0.76 -21.11 -3.90
CA PRO A 25 0.26 -22.18 -3.01
C PRO A 25 0.54 -23.58 -3.57
N LYS A 26 0.02 -23.81 -4.76
CA LYS A 26 0.18 -25.08 -5.45
C LYS A 26 1.59 -25.56 -5.23
N ASP A 27 2.49 -24.89 -5.93
CA ASP A 27 3.93 -25.17 -5.88
C ASP A 27 4.45 -25.50 -4.49
N THR A 28 3.68 -25.19 -3.47
CA THR A 28 4.16 -25.44 -2.12
C THR A 28 3.87 -26.83 -1.59
N LEU A 29 2.94 -27.55 -2.23
CA LEU A 29 2.53 -28.87 -1.72
C LEU A 29 2.82 -30.05 -2.61
N MET A 30 3.31 -29.76 -3.81
CA MET A 30 3.63 -30.78 -4.79
C MET A 30 5.14 -30.77 -4.96
N ILE A 31 5.82 -31.52 -4.11
CA ILE A 31 7.27 -31.64 -4.16
C ILE A 31 7.76 -31.56 -5.60
N SER A 32 6.99 -32.17 -6.49
CA SER A 32 7.29 -32.17 -7.91
C SER A 32 7.35 -30.74 -8.48
N ARG A 33 6.90 -29.78 -7.69
CA ARG A 33 6.90 -28.40 -8.14
C ARG A 33 7.93 -27.53 -7.39
N THR A 34 8.45 -26.55 -8.13
CA THR A 34 9.48 -25.61 -7.68
C THR A 34 8.94 -24.31 -7.10
N PRO A 35 8.73 -24.26 -5.77
CA PRO A 35 8.23 -23.06 -5.12
C PRO A 35 9.33 -22.05 -5.38
N GLU A 36 8.96 -20.80 -5.62
CA GLU A 36 9.94 -19.79 -5.92
C GLU A 36 9.43 -18.47 -5.29
N VAL A 37 10.19 -17.90 -4.34
CA VAL A 37 9.84 -16.61 -3.70
C VAL A 37 10.38 -15.52 -4.60
N THR A 38 9.66 -14.42 -4.76
CA THR A 38 10.18 -13.43 -5.70
C THR A 38 10.33 -11.94 -5.32
N CYS A 39 11.58 -11.46 -5.43
CA CYS A 39 11.91 -10.07 -5.11
C CYS A 39 11.96 -9.15 -6.35
N VAL A 40 11.13 -8.12 -6.34
CA VAL A 40 11.08 -7.20 -7.45
C VAL A 40 11.50 -5.82 -7.02
N VAL A 41 12.14 -5.11 -7.94
CA VAL A 41 12.65 -3.77 -7.71
C VAL A 41 12.25 -2.96 -8.93
N VAL A 42 11.39 -1.95 -8.74
CA VAL A 42 10.98 -1.10 -9.86
C VAL A 42 11.54 0.28 -9.68
N ASP A 43 11.09 1.22 -10.49
CA ASP A 43 11.62 2.57 -10.34
C ASP A 43 13.16 2.58 -10.28
N VAL A 44 13.79 1.68 -11.01
CA VAL A 44 15.23 1.64 -11.03
C VAL A 44 15.75 2.54 -12.12
N SER A 45 16.52 3.53 -11.67
CA SER A 45 17.16 4.55 -12.50
C SER A 45 17.98 4.05 -13.69
N HIS A 46 18.15 4.91 -14.69
CA HIS A 46 18.97 4.55 -15.83
C HIS A 46 20.36 5.06 -15.47
N GLU A 47 20.45 5.76 -14.35
CA GLU A 47 21.70 6.32 -13.88
C GLU A 47 22.39 5.43 -12.86
N ASP A 48 21.67 4.45 -12.36
CA ASP A 48 22.24 3.53 -11.38
C ASP A 48 21.54 2.19 -11.47
N PRO A 49 21.53 1.61 -12.68
CA PRO A 49 20.89 0.32 -12.93
C PRO A 49 21.49 -0.84 -12.17
N GLN A 50 22.68 -0.62 -11.62
CA GLN A 50 23.30 -1.68 -10.86
C GLN A 50 22.47 -1.82 -9.59
N VAL A 51 21.83 -2.98 -9.38
CA VAL A 51 21.08 -3.18 -8.14
C VAL A 51 21.57 -4.45 -7.48
N LYS A 52 21.81 -4.40 -6.17
CA LYS A 52 22.33 -5.59 -5.51
C LYS A 52 21.38 -6.28 -4.53
N PHE A 53 21.20 -7.57 -4.73
CA PHE A 53 20.32 -8.38 -3.89
C PHE A 53 21.08 -9.26 -2.92
N ASN A 54 20.52 -9.42 -1.73
CA ASN A 54 21.09 -10.27 -0.69
C ASN A 54 19.90 -11.01 -0.07
N TRP A 55 19.94 -12.33 -0.02
CA TRP A 55 18.81 -13.09 0.51
C TRP A 55 19.03 -13.70 1.88
N TYR A 56 17.99 -13.76 2.70
CA TYR A 56 18.18 -14.28 4.04
C TYR A 56 17.11 -15.23 4.58
N VAL A 57 17.50 -16.50 4.70
CA VAL A 57 16.64 -17.57 5.23
C VAL A 57 16.60 -17.48 6.76
N ASP A 58 15.43 -17.29 7.35
CA ASP A 58 15.32 -17.15 8.79
C ASP A 58 16.59 -16.46 9.37
N GLY A 59 17.04 -15.46 8.61
CA GLY A 59 18.20 -14.68 8.98
C GLY A 59 19.54 -15.25 8.58
N VAL A 60 19.76 -15.63 7.33
CA VAL A 60 21.07 -16.16 6.93
C VAL A 60 21.43 -16.13 5.46
N GLN A 61 22.73 -15.96 5.23
CA GLN A 61 23.34 -15.95 3.91
C GLN A 61 23.40 -14.56 3.27
N VAL A 62 24.19 -13.65 3.85
CA VAL A 62 24.32 -12.28 3.35
C VAL A 62 24.53 -12.23 1.83
N HIS A 63 25.62 -12.82 1.35
CA HIS A 63 25.90 -12.81 -0.09
C HIS A 63 26.35 -14.22 -0.56
N ASN A 64 26.10 -15.24 0.27
CA ASN A 64 26.48 -16.60 -0.09
C ASN A 64 25.91 -16.95 -1.47
N ALA A 65 24.65 -17.40 -1.55
CA ALA A 65 24.08 -17.74 -2.86
C ALA A 65 22.68 -18.40 -2.85
N LYS A 66 22.40 -19.13 -3.95
CA LYS A 66 21.13 -19.85 -4.22
C LYS A 66 20.11 -18.90 -4.89
N THR A 67 20.61 -17.76 -5.36
CA THR A 67 19.85 -16.66 -5.96
C THR A 67 19.62 -16.70 -7.48
N LYS A 68 19.16 -15.58 -8.06
CA LYS A 68 18.93 -15.42 -9.53
C LYS A 68 18.18 -14.14 -10.02
N PRO A 69 18.83 -13.24 -10.81
CA PRO A 69 18.32 -11.96 -11.39
C PRO A 69 18.78 -11.54 -12.83
N ARG A 70 18.19 -10.47 -13.42
CA ARG A 70 18.57 -9.89 -14.79
C ARG A 70 17.74 -8.69 -15.45
N GLU A 71 18.33 -7.48 -15.51
CA GLU A 71 17.72 -6.24 -16.06
C GLU A 71 16.46 -6.27 -16.94
N GLN A 72 15.69 -5.17 -16.94
CA GLN A 72 14.42 -5.05 -17.71
C GLN A 72 13.82 -3.64 -17.96
N GLN A 73 13.75 -3.21 -19.22
CA GLN A 73 13.23 -1.87 -19.56
C GLN A 73 11.78 -1.72 -19.19
N TYR A 74 11.18 -0.55 -19.50
CA TYR A 74 9.75 -0.26 -19.22
C TYR A 74 9.05 1.04 -19.63
N ASN A 75 8.57 1.80 -18.65
CA ASN A 75 7.88 3.06 -18.97
C ASN A 75 8.91 4.10 -19.35
N SER A 76 10.07 3.99 -18.69
CA SER A 76 11.24 4.87 -18.85
C SER A 76 12.13 4.57 -17.65
N THR A 77 11.85 3.49 -16.95
CA THR A 77 12.64 3.15 -15.78
C THR A 77 12.92 1.66 -15.80
N TYR A 78 13.90 1.21 -15.02
CA TYR A 78 14.22 -0.20 -14.99
C TYR A 78 13.38 -1.00 -14.01
N ARG A 79 13.39 -2.31 -14.17
CA ARG A 79 12.65 -3.21 -13.31
C ARG A 79 13.56 -4.35 -13.09
N VAL A 80 13.74 -4.78 -11.84
CA VAL A 80 14.67 -5.89 -11.56
C VAL A 80 14.15 -6.97 -10.63
N VAL A 81 14.48 -8.23 -11.01
CA VAL A 81 14.04 -9.43 -10.30
C VAL A 81 15.09 -10.28 -9.58
N SER A 82 14.63 -10.99 -8.56
CA SER A 82 15.51 -11.90 -7.83
C SER A 82 14.61 -13.04 -7.46
N VAL A 83 14.98 -14.19 -8.00
CA VAL A 83 14.27 -15.42 -7.77
C VAL A 83 15.08 -16.19 -6.76
N LEU A 84 14.42 -16.67 -5.73
CA LEU A 84 15.06 -17.44 -4.71
C LEU A 84 14.29 -18.74 -4.57
N THR A 85 14.73 -19.78 -5.27
CA THR A 85 14.03 -21.04 -5.16
C THR A 85 14.18 -21.51 -3.71
N VAL A 86 13.07 -21.96 -3.13
CA VAL A 86 13.12 -22.36 -1.74
C VAL A 86 12.71 -23.80 -1.49
N LEU A 87 13.03 -24.28 -0.29
CA LEU A 87 12.73 -25.64 0.15
C LEU A 87 11.25 -25.75 0.48
N HIS A 88 10.61 -26.80 -0.02
CA HIS A 88 9.21 -26.95 0.24
C HIS A 88 8.99 -26.89 1.76
N GLN A 89 9.23 -27.99 2.47
CA GLN A 89 9.01 -27.99 3.93
C GLN A 89 9.40 -26.68 4.62
N ASN A 90 10.42 -26.00 4.10
CA ASN A 90 10.84 -24.72 4.67
C ASN A 90 9.58 -23.88 4.78
N TRP A 91 9.27 -23.24 3.65
CA TRP A 91 8.11 -22.36 3.57
C TRP A 91 6.89 -22.98 4.20
N LEU A 92 6.98 -24.24 4.55
CA LEU A 92 5.85 -24.86 5.18
C LEU A 92 5.97 -24.64 6.66
N ASP A 93 7.17 -24.89 7.18
CA ASP A 93 7.42 -24.72 8.60
C ASP A 93 7.33 -23.27 8.99
N GLY A 94 7.45 -22.39 7.99
CA GLY A 94 7.34 -20.96 8.24
C GLY A 94 8.60 -20.13 8.30
N LYS A 95 9.72 -20.63 7.79
CA LYS A 95 10.95 -19.85 7.80
C LYS A 95 10.58 -18.52 7.14
N GLU A 96 11.27 -17.44 7.51
CA GLU A 96 10.99 -16.14 6.92
C GLU A 96 11.97 -15.82 5.82
N TYR A 97 11.49 -15.14 4.79
CA TYR A 97 12.36 -14.80 3.69
C TYR A 97 12.65 -13.32 3.61
N LYS A 98 13.93 -12.99 3.72
CA LYS A 98 14.39 -11.60 3.69
C LYS A 98 15.10 -11.26 2.39
N CYS A 99 14.70 -10.13 1.81
CA CYS A 99 15.28 -9.66 0.57
C CYS A 99 15.81 -8.26 0.81
N LYS A 100 17.14 -8.12 0.91
CA LYS A 100 17.80 -6.83 1.13
C LYS A 100 18.18 -6.27 -0.23
N VAL A 101 17.68 -5.09 -0.56
CA VAL A 101 18.01 -4.52 -1.85
C VAL A 101 18.83 -3.27 -1.67
N SER A 102 19.89 -3.13 -2.49
CA SER A 102 20.83 -1.99 -2.42
C SER A 102 20.92 -1.34 -3.77
N ASN A 103 21.04 -0.01 -3.79
CA ASN A 103 21.12 0.73 -5.07
C ASN A 103 21.61 2.14 -4.81
N LYS A 104 22.66 2.55 -5.53
CA LYS A 104 23.24 3.90 -5.36
C LYS A 104 22.24 4.99 -5.15
N ALA A 105 21.01 4.81 -5.65
CA ALA A 105 19.96 5.82 -5.47
C ALA A 105 19.39 5.83 -4.06
N LEU A 106 19.64 4.78 -3.31
CA LEU A 106 19.09 4.73 -1.97
C LEU A 106 20.04 5.05 -0.84
N PRO A 107 19.82 6.16 -0.15
CA PRO A 107 20.67 6.54 0.98
C PRO A 107 21.01 5.34 1.90
N ALA A 108 20.22 4.29 1.81
CA ALA A 108 20.52 3.10 2.56
C ALA A 108 19.73 2.05 1.82
N PRO A 109 19.86 0.79 2.31
CA PRO A 109 19.15 -0.41 1.76
C PRO A 109 17.66 -0.41 1.91
N ILE A 110 17.04 -1.47 1.43
CA ILE A 110 15.62 -1.68 1.79
C ILE A 110 15.47 -3.19 2.08
N GLU A 111 14.65 -3.48 3.09
CA GLU A 111 14.46 -4.82 3.63
C GLU A 111 13.01 -5.27 3.68
N LYS A 112 12.66 -6.22 2.86
CA LYS A 112 11.29 -6.70 2.93
C LYS A 112 11.24 -8.17 3.29
N THR A 113 10.35 -8.54 4.19
CA THR A 113 10.25 -9.94 4.63
C THR A 113 8.85 -10.55 4.39
N ILE A 114 8.84 -11.73 3.76
CA ILE A 114 7.60 -12.44 3.46
C ILE A 114 7.59 -13.81 4.15
N SER A 115 6.43 -14.17 4.73
CA SER A 115 6.26 -15.47 5.41
C SER A 115 4.81 -15.98 5.34
N LYS A 116 4.50 -17.12 5.99
CA LYS A 116 3.14 -17.67 5.97
C LYS A 116 2.39 -17.50 7.29
N ALA A 117 1.14 -17.05 7.21
CA ALA A 117 0.29 -16.78 8.38
C ALA A 117 0.45 -17.58 9.67
N LYS A 118 0.25 -16.86 10.77
CA LYS A 118 0.35 -17.43 12.11
C LYS A 118 -1.00 -18.05 12.39
N GLY A 119 -0.99 -19.31 12.81
CA GLY A 119 -2.23 -20.01 13.11
C GLY A 119 -2.11 -21.44 12.62
N GLN A 120 -2.76 -22.38 13.30
CA GLN A 120 -2.68 -23.78 12.89
C GLN A 120 -3.67 -24.11 11.79
N PRO A 121 -3.16 -24.57 10.63
CA PRO A 121 -3.90 -24.96 9.42
C PRO A 121 -5.20 -25.74 9.65
N ARG A 122 -6.22 -25.39 8.87
CA ARG A 122 -7.54 -26.02 8.98
C ARG A 122 -7.92 -26.98 7.82
N GLU A 123 -8.93 -27.82 8.06
CA GLU A 123 -9.38 -28.81 7.08
C GLU A 123 -10.46 -28.35 6.10
N PRO A 124 -10.09 -28.21 4.83
CA PRO A 124 -10.83 -27.80 3.62
C PRO A 124 -12.12 -28.53 3.27
N GLN A 125 -13.21 -28.20 3.94
CA GLN A 125 -14.47 -28.82 3.59
C GLN A 125 -14.65 -28.53 2.09
N VAL A 126 -15.06 -29.52 1.31
CA VAL A 126 -15.25 -29.32 -0.13
C VAL A 126 -16.51 -30.00 -0.65
N TYR A 127 -17.46 -29.19 -1.11
CA TYR A 127 -18.70 -29.71 -1.67
C TYR A 127 -18.91 -29.17 -3.06
N THR A 128 -19.59 -29.96 -3.88
CA THR A 128 -19.84 -29.54 -5.24
C THR A 128 -21.31 -29.18 -5.43
N LEU A 129 -21.56 -28.20 -6.29
CA LEU A 129 -22.93 -27.79 -6.48
C LEU A 129 -23.39 -27.73 -7.93
N PRO A 130 -24.48 -28.45 -8.22
CA PRO A 130 -25.13 -28.57 -9.52
C PRO A 130 -25.98 -27.35 -9.77
N PRO A 131 -25.97 -26.89 -11.02
CA PRO A 131 -26.73 -25.71 -11.45
C PRO A 131 -28.15 -25.62 -10.84
N SER A 132 -28.58 -24.40 -10.53
CA SER A 132 -29.92 -24.22 -9.99
C SER A 132 -30.84 -24.42 -11.19
N ARG A 133 -31.86 -25.26 -11.02
CA ARG A 133 -32.76 -25.51 -12.11
C ARG A 133 -33.08 -24.22 -12.86
N GLU A 134 -33.49 -23.21 -12.12
CA GLU A 134 -33.86 -21.92 -12.68
C GLU A 134 -32.90 -21.53 -13.79
N GLU A 135 -31.68 -22.05 -13.71
CA GLU A 135 -30.63 -21.76 -14.67
C GLU A 135 -30.71 -22.68 -15.89
N MET A 136 -31.10 -23.92 -15.65
CA MET A 136 -31.19 -24.95 -16.68
C MET A 136 -31.57 -24.46 -18.06
N THR A 137 -32.34 -23.38 -18.10
CA THR A 137 -32.78 -22.82 -19.36
C THR A 137 -31.64 -22.43 -20.33
N LYS A 138 -30.75 -21.54 -19.93
CA LYS A 138 -29.64 -21.09 -20.79
C LYS A 138 -28.92 -22.20 -21.56
N ASN A 139 -27.94 -21.82 -22.39
CA ASN A 139 -27.21 -22.81 -23.19
C ASN A 139 -25.90 -23.32 -22.60
N GLN A 140 -25.63 -22.90 -21.36
CA GLN A 140 -24.44 -23.32 -20.60
C GLN A 140 -24.78 -23.18 -19.12
N VAL A 141 -24.45 -24.17 -18.29
CA VAL A 141 -24.78 -24.04 -16.88
C VAL A 141 -23.56 -23.77 -15.99
N SER A 142 -23.82 -23.31 -14.76
CA SER A 142 -22.74 -23.00 -13.85
C SER A 142 -22.47 -24.08 -12.85
N LEU A 143 -21.52 -24.94 -13.19
CA LEU A 143 -21.14 -26.00 -12.28
C LEU A 143 -20.26 -25.39 -11.19
N THR A 144 -20.80 -25.31 -9.99
CA THR A 144 -20.07 -24.71 -8.87
C THR A 144 -19.44 -25.69 -7.93
N CYS A 145 -18.35 -25.28 -7.31
CA CYS A 145 -17.73 -26.09 -6.29
C CYS A 145 -17.08 -25.18 -5.29
N LEU A 146 -17.43 -25.40 -4.03
CA LEU A 146 -16.92 -24.53 -3.01
C LEU A 146 -16.02 -25.14 -1.97
N VAL A 147 -15.06 -24.34 -1.53
CA VAL A 147 -14.12 -24.74 -0.53
C VAL A 147 -14.40 -23.90 0.68
N LYS A 148 -14.79 -24.54 1.77
CA LYS A 148 -15.12 -23.87 3.03
C LYS A 148 -14.15 -24.24 4.15
N GLY A 149 -14.21 -23.45 5.24
CA GLY A 149 -13.39 -23.66 6.42
C GLY A 149 -11.93 -24.12 6.35
N PHE A 150 -11.09 -23.46 5.56
CA PHE A 150 -9.68 -23.83 5.48
C PHE A 150 -8.80 -22.66 5.88
N TYR A 151 -7.52 -22.94 6.12
CA TYR A 151 -6.55 -21.91 6.54
C TYR A 151 -5.14 -22.44 6.32
N PRO A 152 -4.27 -21.63 5.73
CA PRO A 152 -4.49 -20.27 5.25
C PRO A 152 -5.00 -20.10 3.82
N SER A 153 -5.15 -18.84 3.45
CA SER A 153 -5.61 -18.43 2.14
C SER A 153 -4.92 -19.12 0.97
N ASP A 154 -3.63 -19.37 1.09
CA ASP A 154 -2.92 -20.02 0.00
C ASP A 154 -3.75 -21.24 -0.39
N ILE A 155 -3.85 -21.49 -1.69
CA ILE A 155 -4.59 -22.64 -2.21
C ILE A 155 -4.97 -22.41 -3.67
N ALA A 156 -5.20 -23.49 -4.40
CA ALA A 156 -5.56 -23.35 -5.80
C ALA A 156 -6.57 -24.42 -6.10
N VAL A 157 -7.40 -24.17 -7.11
CA VAL A 157 -8.43 -25.11 -7.50
C VAL A 157 -8.54 -25.23 -9.02
N GLU A 158 -8.96 -26.41 -9.49
CA GLU A 158 -9.10 -26.68 -10.94
C GLU A 158 -10.27 -27.62 -11.33
N TRP A 159 -10.44 -27.83 -12.64
CA TRP A 159 -11.50 -28.71 -13.16
C TRP A 159 -11.11 -29.63 -14.32
N GLU A 160 -11.33 -30.93 -14.12
CA GLU A 160 -11.05 -31.97 -15.09
C GLU A 160 -12.40 -32.60 -15.48
N SER A 161 -12.59 -32.89 -16.76
CA SER A 161 -13.83 -33.52 -17.23
C SER A 161 -13.76 -35.03 -16.98
N ASN A 162 -12.63 -35.59 -17.35
CA ASN A 162 -12.35 -37.01 -17.23
C ASN A 162 -10.89 -37.17 -16.90
N GLY A 163 -10.06 -36.82 -17.88
CA GLY A 163 -8.62 -36.91 -17.71
C GLY A 163 -8.04 -35.55 -18.07
N GLN A 164 -8.73 -34.84 -18.95
CA GLN A 164 -8.30 -33.52 -19.37
C GLN A 164 -9.09 -32.44 -18.64
N PRO A 165 -8.40 -31.36 -18.22
CA PRO A 165 -9.04 -30.25 -17.52
C PRO A 165 -9.68 -29.22 -18.45
N GLU A 166 -10.47 -28.32 -17.88
CA GLU A 166 -11.19 -27.30 -18.62
C GLU A 166 -10.61 -25.90 -18.68
N ASN A 167 -10.95 -25.20 -19.77
CA ASN A 167 -10.52 -23.84 -20.00
C ASN A 167 -11.44 -22.91 -19.18
N ASN A 168 -12.69 -22.82 -19.62
CA ASN A 168 -13.71 -21.99 -18.96
C ASN A 168 -13.86 -22.33 -17.49
N TYR A 169 -14.02 -21.28 -16.69
CA TYR A 169 -14.22 -21.34 -15.26
C TYR A 169 -13.37 -20.29 -14.59
N LYS A 170 -13.83 -19.84 -13.43
CA LYS A 170 -13.15 -18.81 -12.66
C LYS A 170 -13.28 -19.17 -11.20
N THR A 171 -12.53 -18.47 -10.36
CA THR A 171 -12.55 -18.71 -8.93
C THR A 171 -12.44 -17.42 -8.12
N THR A 172 -13.09 -17.41 -6.98
CA THR A 172 -12.99 -16.22 -6.18
C THR A 172 -11.78 -16.38 -5.32
N PRO A 173 -11.29 -15.27 -4.77
CA PRO A 173 -10.12 -15.26 -3.91
C PRO A 173 -10.67 -15.62 -2.56
N PRO A 174 -9.85 -16.18 -1.70
CA PRO A 174 -10.27 -16.60 -0.36
C PRO A 174 -10.97 -15.51 0.40
N VAL A 175 -11.94 -15.87 1.22
CA VAL A 175 -12.64 -14.87 2.00
C VAL A 175 -12.60 -15.24 3.44
N LEU A 176 -12.40 -14.25 4.29
CA LEU A 176 -12.35 -14.56 5.70
C LEU A 176 -13.75 -14.81 6.22
N ASP A 177 -13.97 -16.07 6.58
CA ASP A 177 -15.21 -16.61 7.12
C ASP A 177 -15.22 -16.31 8.62
N SER A 178 -16.37 -15.97 9.19
CA SER A 178 -16.39 -15.71 10.62
C SER A 178 -15.89 -16.96 11.33
N ASP A 179 -16.19 -18.11 10.74
CA ASP A 179 -15.81 -19.43 11.25
C ASP A 179 -14.27 -19.56 11.33
N GLY A 180 -13.62 -18.43 11.60
CA GLY A 180 -12.16 -18.36 11.73
C GLY A 180 -11.28 -18.69 10.54
N SER A 181 -11.77 -19.57 9.67
CA SER A 181 -11.03 -20.02 8.52
C SER A 181 -11.35 -19.24 7.29
N PHE A 182 -11.08 -19.85 6.14
CA PHE A 182 -11.35 -19.27 4.82
C PHE A 182 -12.35 -20.07 4.03
N PHE A 183 -12.67 -19.58 2.84
CA PHE A 183 -13.62 -20.27 1.99
C PHE A 183 -13.74 -19.55 0.66
N LEU A 184 -13.93 -20.31 -0.40
CA LEU A 184 -14.10 -19.67 -1.68
C LEU A 184 -15.03 -20.48 -2.55
N TYR A 185 -15.25 -19.99 -3.75
CA TYR A 185 -16.07 -20.69 -4.70
C TYR A 185 -15.29 -20.78 -6.00
N SER A 186 -15.78 -21.66 -6.87
CA SER A 186 -15.21 -21.82 -8.21
C SER A 186 -16.34 -22.27 -9.13
N LYS A 187 -16.57 -21.42 -10.12
CA LYS A 187 -17.64 -21.56 -11.08
C LYS A 187 -17.19 -22.03 -12.44
N LEU A 188 -17.38 -23.34 -12.69
CA LEU A 188 -17.01 -23.93 -13.98
C LEU A 188 -18.16 -23.73 -14.98
N THR A 189 -17.78 -23.32 -16.18
CA THR A 189 -18.75 -23.05 -17.24
C THR A 189 -18.62 -24.06 -18.39
N VAL A 190 -19.68 -24.82 -18.61
CA VAL A 190 -19.70 -25.85 -19.66
C VAL A 190 -20.96 -25.65 -20.48
N ASP A 191 -20.90 -25.99 -21.76
CA ASP A 191 -22.10 -25.81 -22.56
C ASP A 191 -23.18 -26.75 -21.98
N LYS A 192 -24.42 -26.27 -21.91
CA LYS A 192 -25.55 -27.02 -21.36
C LYS A 192 -25.47 -28.53 -21.53
N SER A 193 -25.50 -28.98 -22.79
CA SER A 193 -25.43 -30.41 -23.15
C SER A 193 -24.55 -31.19 -22.20
N ARG A 194 -23.24 -31.05 -22.36
CA ARG A 194 -22.23 -31.69 -21.53
C ARG A 194 -22.75 -32.08 -20.13
N TRP A 195 -23.53 -31.19 -19.51
CA TRP A 195 -24.07 -31.47 -18.19
C TRP A 195 -25.05 -32.67 -18.23
N GLN A 196 -26.13 -32.49 -18.99
CA GLN A 196 -27.16 -33.49 -19.16
C GLN A 196 -26.57 -34.82 -19.65
N GLN A 197 -25.94 -34.81 -20.82
CA GLN A 197 -25.35 -36.03 -21.37
C GLN A 197 -24.88 -36.93 -20.22
N GLY A 198 -24.15 -36.36 -19.27
CA GLY A 198 -23.71 -37.15 -18.13
C GLY A 198 -22.26 -37.02 -17.68
N ASN A 199 -21.37 -36.63 -18.60
CA ASN A 199 -19.94 -36.50 -18.31
C ASN A 199 -19.83 -36.11 -16.86
N VAL A 200 -19.03 -36.83 -16.08
CA VAL A 200 -18.91 -36.46 -14.68
C VAL A 200 -17.94 -35.29 -14.62
N PHE A 201 -17.89 -34.65 -13.46
CA PHE A 201 -17.01 -33.50 -13.29
C PHE A 201 -16.40 -33.40 -11.91
N SER A 202 -15.08 -33.19 -11.89
CA SER A 202 -14.29 -33.11 -10.65
C SER A 202 -13.73 -31.70 -10.31
N CYS A 203 -13.76 -31.38 -9.02
CA CYS A 203 -13.27 -30.12 -8.46
C CYS A 203 -11.93 -30.58 -7.90
N SER A 204 -10.86 -29.83 -8.16
CA SER A 204 -9.56 -30.23 -7.63
C SER A 204 -9.07 -29.21 -6.64
N VAL A 205 -8.81 -29.68 -5.42
CA VAL A 205 -8.35 -28.83 -4.33
C VAL A 205 -6.95 -29.14 -3.79
N MET A 206 -6.05 -28.16 -3.84
CA MET A 206 -4.67 -28.26 -3.36
C MET A 206 -4.47 -27.45 -2.06
N HIS A 207 -4.20 -28.14 -0.96
CA HIS A 207 -4.00 -27.48 0.33
C HIS A 207 -3.13 -28.39 1.24
N GLU A 208 -2.47 -27.81 2.23
CA GLU A 208 -1.62 -28.60 3.09
C GLU A 208 -2.34 -29.22 4.27
N ALA A 209 -3.63 -29.51 4.08
CA ALA A 209 -4.42 -30.13 5.14
C ALA A 209 -5.01 -31.48 4.66
N LEU A 210 -5.05 -31.65 3.33
CA LEU A 210 -5.56 -32.86 2.70
C LEU A 210 -4.48 -33.90 2.88
N HIS A 211 -4.86 -35.18 3.04
CA HIS A 211 -3.85 -36.23 3.23
C HIS A 211 -2.63 -35.98 2.35
N ASN A 212 -2.81 -35.95 1.04
CA ASN A 212 -1.72 -35.73 0.11
C ASN A 212 -1.76 -34.30 -0.41
N HIS A 213 -2.12 -33.33 0.45
CA HIS A 213 -2.21 -31.93 0.03
C HIS A 213 -3.21 -31.92 -1.14
N TYR A 214 -3.85 -33.06 -1.37
CA TYR A 214 -4.77 -33.21 -2.49
C TYR A 214 -6.03 -34.01 -2.17
N THR A 215 -7.17 -33.52 -2.65
CA THR A 215 -8.46 -34.19 -2.52
C THR A 215 -9.16 -33.93 -3.83
N GLN A 216 -10.25 -34.63 -4.03
CA GLN A 216 -11.00 -34.45 -5.24
C GLN A 216 -12.44 -34.73 -4.82
N LYS A 217 -13.37 -34.14 -5.55
CA LYS A 217 -14.76 -34.32 -5.27
C LYS A 217 -15.38 -34.14 -6.64
N SER A 218 -16.45 -34.86 -6.93
CA SER A 218 -17.03 -34.74 -8.25
C SER A 218 -18.53 -34.51 -8.29
N LEU A 219 -18.94 -33.87 -9.38
CA LEU A 219 -20.32 -33.51 -9.63
C LEU A 219 -20.85 -34.02 -10.94
N SER A 220 -22.01 -34.66 -10.87
CA SER A 220 -22.70 -35.19 -12.04
C SER A 220 -24.20 -34.96 -11.83
N LEU A 221 -25.06 -35.75 -12.47
CA LEU A 221 -26.51 -35.52 -12.33
C LEU A 221 -27.52 -36.69 -12.25
N SER A 222 -28.81 -36.33 -12.24
CA SER A 222 -29.99 -37.23 -12.20
C SER A 222 -30.38 -37.86 -10.86
N CYS B 7 2.87 14.20 -22.47
CA CYS B 7 3.27 12.99 -21.74
C CYS B 7 2.63 12.81 -20.34
N PRO B 8 2.86 11.64 -19.68
CA PRO B 8 2.29 11.46 -18.33
C PRO B 8 2.64 12.63 -17.39
N ALA B 9 1.73 13.60 -17.33
CA ALA B 9 1.84 14.84 -16.54
C ALA B 9 2.67 14.82 -15.24
N PRO B 10 3.53 15.85 -15.11
CA PRO B 10 4.32 16.02 -13.85
C PRO B 10 3.46 16.13 -12.59
N GLU B 11 3.34 15.07 -11.80
CA GLU B 11 2.48 15.11 -10.60
C GLU B 11 3.28 15.08 -9.27
N LEU B 12 2.85 15.97 -8.34
CA LEU B 12 3.36 16.04 -6.94
C LEU B 12 4.50 17.01 -6.58
N LEU B 13 4.07 18.13 -5.94
CA LEU B 13 4.78 19.29 -5.43
C LEU B 13 4.11 20.07 -4.29
N GLY B 14 4.24 19.56 -3.05
CA GLY B 14 3.70 20.21 -1.83
C GLY B 14 2.23 20.63 -1.96
N GLY B 15 1.89 21.77 -1.38
CA GLY B 15 0.53 22.33 -1.44
C GLY B 15 -0.50 21.33 -1.01
N PRO B 16 -1.74 21.69 -0.76
CA PRO B 16 -2.60 20.65 -0.24
C PRO B 16 -2.93 19.71 -1.37
N SER B 17 -3.18 18.47 -0.99
CA SER B 17 -3.55 17.47 -1.96
C SER B 17 -5.07 17.42 -1.96
N VAL B 18 -5.64 16.84 -3.01
CA VAL B 18 -7.07 16.79 -3.12
C VAL B 18 -7.65 15.48 -3.62
N PHE B 19 -8.51 14.88 -2.82
CA PHE B 19 -9.15 13.62 -3.20
C PHE B 19 -10.63 13.86 -3.36
N LEU B 20 -11.24 13.10 -4.27
CA LEU B 20 -12.67 13.24 -4.56
C LEU B 20 -13.34 11.89 -4.61
N PHE B 21 -14.27 11.66 -3.68
CA PHE B 21 -14.99 10.40 -3.54
C PHE B 21 -16.35 10.40 -4.16
N PRO B 22 -16.78 9.25 -4.66
CA PRO B 22 -18.07 9.09 -5.30
C PRO B 22 -19.17 8.80 -4.28
N PRO B 23 -20.41 8.72 -4.78
CA PRO B 23 -21.58 8.44 -3.94
C PRO B 23 -21.47 6.98 -3.48
N LYS B 24 -22.37 6.54 -2.61
CA LYS B 24 -22.39 5.16 -2.14
C LYS B 24 -23.36 4.48 -3.05
N PRO B 25 -22.99 3.32 -3.55
CA PRO B 25 -23.78 2.52 -4.46
C PRO B 25 -25.25 2.47 -4.13
N LYS B 26 -25.57 1.98 -2.95
CA LYS B 26 -26.95 1.88 -2.58
C LYS B 26 -27.61 3.24 -2.78
N ASP B 27 -27.01 4.25 -2.18
CA ASP B 27 -27.55 5.58 -2.25
C ASP B 27 -27.90 6.02 -3.64
N THR B 28 -27.49 5.24 -4.62
CA THR B 28 -27.81 5.64 -5.97
C THR B 28 -28.99 4.92 -6.60
N LEU B 29 -29.62 3.99 -5.89
CA LEU B 29 -30.72 3.27 -6.54
C LEU B 29 -32.04 3.37 -5.77
N MET B 30 -32.01 4.08 -4.65
CA MET B 30 -33.24 4.28 -3.90
C MET B 30 -33.40 5.78 -3.77
N ILE B 31 -34.08 6.34 -4.75
CA ILE B 31 -34.39 7.77 -4.81
C ILE B 31 -34.53 8.31 -3.37
N SER B 32 -35.04 7.44 -2.49
CA SER B 32 -35.27 7.70 -1.06
C SER B 32 -33.95 8.00 -0.36
N ARG B 33 -32.85 7.74 -1.08
CA ARG B 33 -31.49 7.93 -0.59
C ARG B 33 -30.81 9.11 -1.25
N THR B 34 -30.09 9.87 -0.43
CA THR B 34 -29.43 11.05 -0.90
C THR B 34 -27.96 10.76 -1.27
N PRO B 35 -27.70 10.50 -2.56
CA PRO B 35 -26.33 10.22 -2.96
C PRO B 35 -25.61 11.51 -2.99
N GLU B 36 -24.40 11.51 -2.48
CA GLU B 36 -23.65 12.74 -2.51
C GLU B 36 -22.20 12.44 -2.92
N VAL B 37 -21.68 13.22 -3.86
CA VAL B 37 -20.29 13.06 -4.27
C VAL B 37 -19.49 14.00 -3.39
N THR B 38 -18.31 13.58 -2.98
CA THR B 38 -17.64 14.46 -2.10
C THR B 38 -16.12 14.69 -2.28
N CYS B 39 -15.75 15.97 -2.28
CA CYS B 39 -14.39 16.44 -2.50
C CYS B 39 -13.65 16.88 -1.23
N VAL B 40 -12.53 16.24 -0.92
CA VAL B 40 -11.75 16.61 0.26
C VAL B 40 -10.49 17.29 -0.20
N VAL B 41 -9.90 18.06 0.73
CA VAL B 41 -8.68 18.83 0.55
C VAL B 41 -7.87 18.70 1.86
N VAL B 42 -6.87 17.86 1.89
CA VAL B 42 -6.07 17.71 3.09
C VAL B 42 -4.85 18.62 3.03
N ASP B 43 -3.93 18.44 3.96
CA ASP B 43 -2.69 19.22 3.96
C ASP B 43 -2.96 20.69 3.58
N VAL B 44 -3.85 21.31 4.33
CA VAL B 44 -4.13 22.69 4.08
C VAL B 44 -3.50 23.49 5.21
N SER B 45 -2.58 24.39 4.83
CA SER B 45 -1.82 25.26 5.75
C SER B 45 -2.64 26.04 6.75
N HIS B 46 -1.97 26.54 7.78
CA HIS B 46 -2.66 27.37 8.77
C HIS B 46 -2.42 28.78 8.27
N GLU B 47 -1.59 28.87 7.25
CA GLU B 47 -1.21 30.15 6.68
C GLU B 47 -2.13 30.59 5.60
N ASP B 48 -2.88 29.66 5.05
CA ASP B 48 -3.79 29.98 3.97
C ASP B 48 -4.88 28.94 3.95
N PRO B 49 -5.73 28.98 4.99
CA PRO B 49 -6.90 28.15 5.32
C PRO B 49 -8.03 28.32 4.33
N GLN B 50 -8.10 29.51 3.75
CA GLN B 50 -9.12 29.84 2.77
C GLN B 50 -8.92 28.90 1.55
N VAL B 51 -9.85 27.99 1.32
CA VAL B 51 -9.76 27.07 0.19
C VAL B 51 -10.99 27.29 -0.64
N LYS B 52 -10.85 27.33 -1.96
CA LYS B 52 -12.03 27.60 -2.74
C LYS B 52 -12.40 26.58 -3.77
N PHE B 53 -13.63 26.07 -3.66
CA PHE B 53 -14.14 25.04 -4.59
C PHE B 53 -15.06 25.54 -5.68
N ASN B 54 -15.09 24.80 -6.79
CA ASN B 54 -15.99 25.07 -7.92
C ASN B 54 -16.41 23.69 -8.38
N TRP B 55 -17.65 23.54 -8.80
CA TRP B 55 -18.07 22.20 -9.15
C TRP B 55 -18.58 22.16 -10.55
N TYR B 56 -18.35 21.06 -11.24
CA TYR B 56 -18.77 21.03 -12.60
C TYR B 56 -19.49 19.78 -13.00
N VAL B 57 -20.73 19.91 -13.47
CA VAL B 57 -21.41 18.71 -13.91
C VAL B 57 -21.30 18.66 -15.38
N ASP B 58 -20.91 17.50 -15.91
CA ASP B 58 -20.70 17.38 -17.35
C ASP B 58 -20.15 18.74 -17.89
N GLY B 59 -19.30 19.34 -17.06
CA GLY B 59 -18.67 20.59 -17.39
C GLY B 59 -19.53 21.82 -17.27
N VAL B 60 -20.10 22.07 -16.10
CA VAL B 60 -20.93 23.27 -15.92
C VAL B 60 -21.01 23.81 -14.50
N GLN B 61 -21.36 25.09 -14.43
CA GLN B 61 -21.48 25.90 -13.21
C GLN B 61 -20.19 26.14 -12.40
N VAL B 62 -19.40 27.09 -12.90
CA VAL B 62 -18.13 27.48 -12.31
C VAL B 62 -18.33 27.94 -10.89
N HIS B 63 -19.10 29.01 -10.74
CA HIS B 63 -19.38 29.60 -9.43
C HIS B 63 -20.87 29.58 -9.01
N ASN B 64 -21.74 29.10 -9.89
CA ASN B 64 -23.17 29.04 -9.62
C ASN B 64 -23.44 28.50 -8.22
N ALA B 65 -23.55 27.19 -8.00
CA ALA B 65 -23.76 26.63 -6.65
C ALA B 65 -24.40 25.27 -6.61
N LYS B 66 -25.07 24.97 -5.51
CA LYS B 66 -25.74 23.68 -5.28
C LYS B 66 -24.76 22.85 -4.46
N THR B 67 -23.78 23.51 -3.88
CA THR B 67 -22.71 22.84 -3.18
C THR B 67 -22.69 22.94 -1.64
N LYS B 68 -21.57 22.69 -0.95
CA LYS B 68 -21.53 22.75 0.51
C LYS B 68 -20.18 22.30 1.17
N PRO B 69 -19.49 23.15 2.04
CA PRO B 69 -18.22 22.93 2.78
C PRO B 69 -17.99 23.75 4.13
N ARG B 70 -16.97 23.44 5.03
CA ARG B 70 -16.51 24.23 6.32
C ARG B 70 -15.28 23.78 7.25
N GLU B 71 -14.17 24.55 7.32
CA GLU B 71 -12.86 24.25 8.09
C GLU B 71 -12.71 23.15 9.16
N GLN B 72 -11.54 22.49 9.25
CA GLN B 72 -11.37 21.41 10.25
C GLN B 72 -9.93 21.03 10.65
N GLN B 73 -9.62 21.12 11.94
CA GLN B 73 -8.31 20.79 12.50
C GLN B 73 -7.78 19.36 12.26
N TYR B 74 -6.60 19.03 12.78
CA TYR B 74 -5.98 17.70 12.60
C TYR B 74 -4.63 17.34 13.30
N ASN B 75 -3.66 16.87 12.51
CA ASN B 75 -2.36 16.51 13.04
C ASN B 75 -1.59 17.78 13.26
N SER B 76 -1.92 18.82 12.48
CA SER B 76 -1.19 20.08 12.53
C SER B 76 -1.42 20.76 11.18
N THR B 77 -2.40 20.25 10.47
CA THR B 77 -2.70 20.73 9.15
C THR B 77 -4.23 20.75 9.04
N TYR B 78 -4.78 21.55 8.14
CA TYR B 78 -6.22 21.56 7.97
C TYR B 78 -6.76 20.60 6.89
N ARG B 79 -8.04 20.30 7.05
CA ARG B 79 -8.77 19.42 6.15
C ARG B 79 -10.08 20.11 5.76
N VAL B 80 -10.43 20.04 4.47
CA VAL B 80 -11.66 20.65 4.04
C VAL B 80 -12.48 19.90 3.02
N VAL B 81 -13.80 19.95 3.21
CA VAL B 81 -14.76 19.23 2.36
C VAL B 81 -15.76 20.02 1.55
N SER B 82 -16.30 19.40 0.54
CA SER B 82 -17.37 20.02 -0.16
C SER B 82 -18.15 18.83 -0.55
N VAL B 83 -19.43 18.91 -0.31
CA VAL B 83 -20.27 17.82 -0.65
C VAL B 83 -21.24 18.42 -1.60
N LEU B 84 -21.41 17.73 -2.73
CA LEU B 84 -22.33 18.15 -3.77
C LEU B 84 -23.37 17.05 -3.94
N THR B 85 -24.58 17.30 -3.48
CA THR B 85 -25.55 16.26 -3.66
C THR B 85 -25.81 16.15 -5.14
N VAL B 86 -26.02 14.92 -5.59
CA VAL B 86 -26.27 14.65 -7.01
C VAL B 86 -27.63 14.01 -7.26
N LEU B 87 -28.20 14.27 -8.44
CA LEU B 87 -29.46 13.62 -8.79
C LEU B 87 -29.15 12.14 -9.02
N HIS B 88 -30.09 11.27 -8.79
CA HIS B 88 -29.76 9.88 -9.04
C HIS B 88 -29.53 9.74 -10.52
N GLN B 89 -30.60 9.82 -11.30
CA GLN B 89 -30.56 9.70 -12.74
C GLN B 89 -29.27 10.18 -13.36
N ASN B 90 -28.77 11.32 -12.90
CA ASN B 90 -27.56 11.88 -13.46
C ASN B 90 -26.49 10.83 -13.25
N TRP B 91 -26.01 10.74 -12.02
CA TRP B 91 -24.99 9.78 -11.64
C TRP B 91 -25.23 8.38 -12.21
N LEU B 92 -26.36 8.18 -12.86
CA LEU B 92 -26.68 6.89 -13.44
C LEU B 92 -26.34 6.99 -14.93
N ASP B 93 -26.79 8.04 -15.58
CA ASP B 93 -26.49 8.23 -16.99
C ASP B 93 -25.00 8.52 -17.17
N GLY B 94 -24.29 8.60 -16.05
CA GLY B 94 -22.87 8.84 -16.09
C GLY B 94 -22.37 10.25 -16.33
N LYS B 95 -23.12 11.22 -15.85
CA LYS B 95 -22.60 12.55 -16.03
C LYS B 95 -21.23 12.52 -15.33
N GLU B 96 -20.37 13.49 -15.59
CA GLU B 96 -19.07 13.50 -14.93
C GLU B 96 -19.03 14.61 -13.85
N TYR B 97 -18.39 14.33 -12.72
CA TYR B 97 -18.30 15.33 -11.67
C TYR B 97 -16.93 15.94 -11.48
N LYS B 98 -16.84 17.24 -11.59
CA LYS B 98 -15.53 17.86 -11.46
C LYS B 98 -15.47 18.79 -10.29
N CYS B 99 -14.36 18.66 -9.58
CA CYS B 99 -14.13 19.49 -8.42
C CYS B 99 -12.78 20.16 -8.63
N LYS B 100 -12.83 21.48 -8.79
CA LYS B 100 -11.66 22.35 -9.00
C LYS B 100 -11.33 22.98 -7.65
N VAL B 101 -10.16 22.67 -7.10
CA VAL B 101 -9.76 23.21 -5.81
C VAL B 101 -8.80 24.29 -6.07
N SER B 102 -8.85 25.36 -5.28
CA SER B 102 -7.97 26.51 -5.48
C SER B 102 -7.57 27.06 -4.14
N ASN B 103 -6.28 27.35 -3.96
CA ASN B 103 -5.74 27.81 -2.68
C ASN B 103 -4.50 28.65 -2.89
N LYS B 104 -4.24 29.60 -1.98
CA LYS B 104 -3.04 30.45 -2.03
C LYS B 104 -1.80 29.59 -2.31
N ALA B 105 -1.53 28.65 -1.42
CA ALA B 105 -0.38 27.79 -1.60
C ALA B 105 -0.28 27.04 -2.93
N LEU B 106 -1.30 27.08 -3.77
CA LEU B 106 -1.21 26.35 -5.03
C LEU B 106 -0.94 27.13 -6.28
N PRO B 107 0.19 26.83 -6.94
CA PRO B 107 0.73 27.40 -8.19
C PRO B 107 -0.40 27.73 -9.12
N ALA B 108 -1.27 26.73 -9.20
CA ALA B 108 -2.44 26.75 -10.04
C ALA B 108 -3.38 25.84 -9.27
N PRO B 109 -4.67 25.78 -9.68
CA PRO B 109 -5.68 24.94 -9.04
C PRO B 109 -5.67 23.50 -9.45
N ILE B 110 -6.26 22.68 -8.61
CA ILE B 110 -6.35 21.25 -8.87
C ILE B 110 -7.77 20.79 -9.28
N GLU B 111 -7.84 19.89 -10.24
CA GLU B 111 -9.11 19.38 -10.70
C GLU B 111 -9.06 17.89 -10.47
N LYS B 112 -10.21 17.30 -10.16
CA LYS B 112 -10.35 15.87 -9.94
C LYS B 112 -11.75 15.57 -10.41
N THR B 113 -11.84 14.59 -11.30
CA THR B 113 -13.11 14.19 -11.91
C THR B 113 -13.46 12.75 -11.57
N ILE B 114 -14.67 12.57 -11.07
CA ILE B 114 -15.16 11.26 -10.72
C ILE B 114 -16.45 10.97 -11.44
N SER B 115 -16.55 9.76 -11.95
CA SER B 115 -17.71 9.36 -12.70
C SER B 115 -18.06 7.93 -12.40
N LYS B 116 -19.20 7.52 -12.96
CA LYS B 116 -19.70 6.16 -12.80
C LYS B 116 -19.16 5.22 -13.84
N ALA B 117 -18.88 4.00 -13.40
CA ALA B 117 -18.38 2.93 -14.23
C ALA B 117 -18.75 3.11 -15.68
N LYS B 118 -17.76 3.42 -16.50
CA LYS B 118 -18.07 3.66 -17.90
C LYS B 118 -18.48 2.33 -18.51
N GLY B 119 -19.05 2.37 -19.71
CA GLY B 119 -19.43 1.13 -20.38
C GLY B 119 -20.84 0.66 -20.12
N GLN B 120 -21.37 -0.17 -21.01
CA GLN B 120 -22.73 -0.68 -20.85
C GLN B 120 -22.83 -1.77 -19.78
N PRO B 121 -23.88 -1.72 -18.96
CA PRO B 121 -24.29 -2.57 -17.84
C PRO B 121 -25.04 -3.83 -18.27
N ARG B 122 -25.18 -4.80 -17.37
CA ARG B 122 -25.90 -6.02 -17.72
C ARG B 122 -26.68 -6.68 -16.60
N GLU B 123 -28.01 -6.79 -16.77
CA GLU B 123 -28.92 -7.41 -15.77
C GLU B 123 -28.39 -8.74 -15.22
N PRO B 124 -28.01 -8.77 -13.93
CA PRO B 124 -27.47 -9.92 -13.18
C PRO B 124 -28.36 -11.11 -12.81
N GLN B 125 -28.08 -12.25 -13.43
CA GLN B 125 -28.82 -13.47 -13.18
C GLN B 125 -28.55 -13.99 -11.77
N VAL B 126 -29.62 -14.36 -11.08
CA VAL B 126 -29.51 -14.85 -9.72
C VAL B 126 -30.09 -16.22 -9.54
N TYR B 127 -29.23 -17.13 -9.05
CA TYR B 127 -29.64 -18.50 -8.77
C TYR B 127 -29.32 -18.92 -7.32
N THR B 128 -30.16 -19.76 -6.79
CA THR B 128 -29.96 -20.20 -5.43
C THR B 128 -29.30 -21.56 -5.48
N LEU B 129 -28.57 -21.90 -4.42
CA LEU B 129 -27.95 -23.21 -4.39
C LEU B 129 -28.03 -23.79 -3.01
N PRO B 130 -28.70 -24.93 -2.89
CA PRO B 130 -28.96 -25.72 -1.69
C PRO B 130 -27.78 -26.57 -1.40
N PRO B 131 -27.39 -26.66 -0.13
CA PRO B 131 -26.26 -27.41 0.40
C PRO B 131 -25.97 -28.72 -0.31
N SER B 132 -24.69 -29.01 -0.58
CA SER B 132 -24.34 -30.25 -1.23
C SER B 132 -24.57 -31.32 -0.21
N ARG B 133 -25.27 -32.37 -0.61
CA ARG B 133 -25.58 -33.47 0.28
C ARG B 133 -24.41 -33.77 1.21
N GLU B 134 -23.26 -34.02 0.60
CA GLU B 134 -22.04 -34.35 1.32
C GLU B 134 -21.81 -33.49 2.55
N GLU B 135 -22.42 -32.31 2.58
CA GLU B 135 -22.26 -31.42 3.72
C GLU B 135 -23.35 -31.56 4.76
N MET B 136 -24.56 -31.96 4.33
CA MET B 136 -25.71 -32.11 5.23
C MET B 136 -25.36 -32.67 6.60
N THR B 137 -24.20 -33.33 6.63
CA THR B 137 -23.58 -33.93 7.80
C THR B 137 -23.58 -33.03 9.03
N LYS B 138 -22.68 -32.04 8.97
CA LYS B 138 -22.45 -31.07 10.02
C LYS B 138 -23.67 -30.39 10.66
N ASN B 139 -23.38 -29.49 11.61
CA ASN B 139 -24.37 -28.73 12.40
C ASN B 139 -25.11 -27.57 11.74
N GLN B 140 -24.57 -27.07 10.62
CA GLN B 140 -25.16 -25.95 9.90
C GLN B 140 -24.83 -26.13 8.43
N VAL B 141 -25.68 -25.67 7.54
CA VAL B 141 -25.38 -25.83 6.12
C VAL B 141 -25.11 -24.55 5.41
N SER B 142 -24.47 -24.67 4.26
CA SER B 142 -24.11 -23.50 3.49
C SER B 142 -25.10 -23.16 2.41
N LEU B 143 -26.09 -22.35 2.76
CA LEU B 143 -27.07 -21.94 1.78
C LEU B 143 -26.41 -20.94 0.84
N THR B 144 -26.16 -21.36 -0.40
CA THR B 144 -25.49 -20.50 -1.37
C THR B 144 -26.37 -19.82 -2.41
N CYS B 145 -25.98 -18.60 -2.81
CA CYS B 145 -26.69 -17.81 -3.80
C CYS B 145 -25.71 -17.09 -4.67
N LEU B 146 -25.75 -17.34 -5.98
CA LEU B 146 -24.78 -16.69 -6.85
C LEU B 146 -25.38 -15.70 -7.82
N VAL B 147 -24.63 -14.62 -8.03
CA VAL B 147 -25.05 -13.56 -8.93
C VAL B 147 -24.02 -13.62 -10.03
N LYS B 148 -24.49 -13.93 -11.24
CA LYS B 148 -23.58 -14.01 -12.35
C LYS B 148 -23.91 -13.01 -13.47
N GLY B 149 -22.96 -12.85 -14.39
CA GLY B 149 -23.12 -11.97 -15.54
C GLY B 149 -23.71 -10.56 -15.39
N PHE B 150 -23.16 -9.78 -14.46
CA PHE B 150 -23.65 -8.42 -14.25
C PHE B 150 -22.57 -7.39 -14.47
N TYR B 151 -23.01 -6.14 -14.60
CA TYR B 151 -22.10 -5.04 -14.86
C TYR B 151 -22.68 -3.74 -14.43
N PRO B 152 -21.95 -2.94 -13.60
CA PRO B 152 -20.59 -3.20 -13.07
C PRO B 152 -20.52 -3.75 -11.65
N SER B 153 -19.28 -3.83 -11.17
CA SER B 153 -18.95 -4.35 -9.86
C SER B 153 -19.90 -3.93 -8.72
N ASP B 154 -20.30 -2.66 -8.72
CA ASP B 154 -21.18 -2.19 -7.67
C ASP B 154 -22.32 -3.15 -7.58
N ILE B 155 -22.75 -3.44 -6.35
CA ILE B 155 -23.86 -4.34 -6.12
C ILE B 155 -23.78 -4.70 -4.65
N ALA B 156 -24.91 -5.11 -4.10
CA ALA B 156 -25.01 -5.51 -2.70
C ALA B 156 -25.96 -6.68 -2.63
N VAL B 157 -25.73 -7.57 -1.68
CA VAL B 157 -26.60 -8.72 -1.54
C VAL B 157 -26.81 -9.06 -0.08
N GLU B 158 -28.02 -9.52 0.26
CA GLU B 158 -28.35 -9.89 1.64
C GLU B 158 -29.24 -11.14 1.81
N TRP B 159 -29.66 -11.35 3.05
CA TRP B 159 -30.45 -12.52 3.38
C TRP B 159 -31.50 -12.39 4.47
N GLU B 160 -32.74 -12.77 4.13
CA GLU B 160 -33.86 -12.75 5.06
C GLU B 160 -34.54 -14.12 5.11
N SER B 161 -34.96 -14.51 6.31
CA SER B 161 -35.64 -15.79 6.54
C SER B 161 -37.10 -15.73 6.08
N ASN B 162 -37.78 -14.65 6.43
CA ASN B 162 -39.17 -14.44 6.06
C ASN B 162 -39.43 -12.95 5.95
N GLY B 163 -39.19 -12.25 7.05
CA GLY B 163 -39.38 -10.81 7.05
C GLY B 163 -38.10 -10.20 7.60
N GLN B 164 -37.49 -10.91 8.54
CA GLN B 164 -36.26 -10.42 9.16
C GLN B 164 -35.04 -11.05 8.48
N PRO B 165 -33.95 -10.26 8.34
CA PRO B 165 -32.65 -10.62 7.75
C PRO B 165 -31.72 -11.41 8.68
N GLU B 166 -30.71 -12.05 8.13
CA GLU B 166 -29.79 -12.81 8.97
C GLU B 166 -28.44 -12.16 9.23
N ASN B 167 -27.82 -12.56 10.32
CA ASN B 167 -26.51 -12.06 10.73
C ASN B 167 -25.47 -12.85 9.93
N ASN B 168 -25.30 -14.12 10.30
CA ASN B 168 -24.33 -15.00 9.66
C ASN B 168 -24.47 -15.05 8.16
N TYR B 169 -23.32 -15.16 7.51
CA TYR B 169 -23.19 -15.24 6.06
C TYR B 169 -22.21 -14.19 5.62
N LYS B 170 -21.66 -14.37 4.43
CA LYS B 170 -20.72 -13.42 3.90
C LYS B 170 -20.83 -13.41 2.38
N THR B 171 -20.00 -12.62 1.73
CA THR B 171 -20.08 -12.53 0.28
C THR B 171 -18.76 -12.27 -0.40
N THR B 172 -18.63 -12.79 -1.59
CA THR B 172 -17.40 -12.58 -2.33
C THR B 172 -17.44 -11.24 -3.03
N PRO B 173 -16.28 -10.79 -3.47
CA PRO B 173 -16.07 -9.56 -4.20
C PRO B 173 -16.44 -9.93 -5.60
N PRO B 174 -16.93 -8.99 -6.41
CA PRO B 174 -17.29 -9.34 -7.77
C PRO B 174 -16.06 -9.95 -8.42
N VAL B 175 -16.28 -10.87 -9.34
CA VAL B 175 -15.19 -11.49 -10.06
C VAL B 175 -15.31 -11.21 -11.55
N LEU B 176 -14.20 -10.88 -12.17
CA LEU B 176 -14.21 -10.59 -13.58
C LEU B 176 -14.32 -11.86 -14.37
N ASP B 177 -15.53 -12.13 -14.84
CA ASP B 177 -15.83 -13.32 -15.64
C ASP B 177 -15.35 -13.08 -17.10
N SER B 178 -14.97 -14.15 -17.79
CA SER B 178 -14.56 -14.00 -19.18
C SER B 178 -15.75 -13.44 -19.96
N ASP B 179 -16.93 -13.92 -19.55
CA ASP B 179 -18.21 -13.53 -20.13
C ASP B 179 -18.44 -12.03 -20.03
N GLY B 180 -17.36 -11.26 -20.17
CA GLY B 180 -17.40 -9.80 -20.12
C GLY B 180 -17.90 -9.08 -18.86
N SER B 181 -18.83 -9.72 -18.14
CA SER B 181 -19.40 -9.12 -16.93
C SER B 181 -18.75 -9.61 -15.65
N PHE B 182 -19.54 -9.57 -14.58
CA PHE B 182 -19.08 -9.99 -13.28
C PHE B 182 -19.93 -11.09 -12.69
N PHE B 183 -19.54 -11.54 -11.51
CA PHE B 183 -20.26 -12.59 -10.85
C PHE B 183 -19.76 -12.63 -9.47
N LEU B 184 -20.61 -13.04 -8.54
CA LEU B 184 -20.19 -13.16 -7.15
C LEU B 184 -20.95 -14.29 -6.50
N TYR B 185 -20.55 -14.65 -5.30
CA TYR B 185 -21.26 -15.69 -4.58
C TYR B 185 -21.61 -15.07 -3.26
N SER B 186 -22.45 -15.76 -2.51
CA SER B 186 -22.87 -15.32 -1.20
C SER B 186 -23.26 -16.56 -0.38
N LYS B 187 -22.48 -16.86 0.65
CA LYS B 187 -22.73 -18.04 1.47
C LYS B 187 -23.36 -17.76 2.82
N LEU B 188 -24.67 -17.99 2.89
CA LEU B 188 -25.49 -17.81 4.10
C LEU B 188 -25.40 -19.05 4.98
N THR B 189 -25.14 -18.84 6.27
CA THR B 189 -25.00 -19.97 7.13
C THR B 189 -26.09 -20.05 8.16
N VAL B 190 -26.77 -21.19 8.20
CA VAL B 190 -27.84 -21.43 9.16
C VAL B 190 -27.64 -22.79 9.83
N ASP B 191 -28.09 -22.89 11.08
CA ASP B 191 -27.95 -24.16 11.78
C ASP B 191 -28.77 -25.18 11.03
N LYS B 192 -28.17 -26.35 10.81
CA LYS B 192 -28.80 -27.47 10.10
C LYS B 192 -30.32 -27.40 10.12
N SER B 193 -30.84 -27.53 11.33
CA SER B 193 -32.26 -27.50 11.59
C SER B 193 -33.03 -26.70 10.56
N ARG B 194 -33.13 -25.40 10.81
CA ARG B 194 -33.86 -24.47 9.96
C ARG B 194 -33.97 -24.94 8.51
N TRP B 195 -32.88 -25.45 7.97
CA TRP B 195 -32.89 -25.93 6.59
C TRP B 195 -34.06 -26.90 6.48
N GLN B 196 -33.86 -28.07 7.11
CA GLN B 196 -34.82 -29.17 7.15
C GLN B 196 -36.25 -28.75 7.51
N GLN B 197 -36.39 -28.10 8.68
CA GLN B 197 -37.70 -27.63 9.14
C GLN B 197 -38.47 -27.23 7.89
N GLY B 198 -37.87 -26.33 7.11
CA GLY B 198 -38.51 -25.89 5.89
C GLY B 198 -38.45 -24.39 5.67
N ASN B 199 -38.26 -23.62 6.74
CA ASN B 199 -38.19 -22.16 6.64
C ASN B 199 -37.66 -21.83 5.25
N VAL B 200 -38.33 -20.95 4.51
CA VAL B 200 -37.83 -20.60 3.19
C VAL B 200 -36.76 -19.52 3.34
N PHE B 201 -35.95 -19.36 2.30
CA PHE B 201 -34.89 -18.39 2.30
C PHE B 201 -34.82 -17.64 1.00
N SER B 202 -34.56 -16.34 1.13
CA SER B 202 -34.42 -15.46 -0.03
C SER B 202 -33.03 -14.74 -0.12
N CYS B 203 -32.55 -14.59 -1.35
CA CYS B 203 -31.29 -13.90 -1.61
C CYS B 203 -31.76 -12.56 -2.13
N SER B 204 -31.08 -11.49 -1.74
CA SER B 204 -31.51 -10.20 -2.24
C SER B 204 -30.42 -9.51 -3.02
N VAL B 205 -30.77 -9.11 -4.23
CA VAL B 205 -29.81 -8.47 -5.09
C VAL B 205 -30.25 -7.08 -5.55
N MET B 206 -29.35 -6.12 -5.32
CA MET B 206 -29.56 -4.72 -5.69
C MET B 206 -28.62 -4.34 -6.85
N HIS B 207 -29.20 -4.03 -8.01
CA HIS B 207 -28.40 -3.64 -9.16
C HIS B 207 -29.18 -2.67 -10.00
N GLU B 208 -28.52 -2.00 -10.92
CA GLU B 208 -29.19 -1.03 -11.76
C GLU B 208 -29.74 -1.66 -13.05
N ALA B 209 -29.88 -2.98 -13.05
CA ALA B 209 -30.39 -3.66 -14.24
C ALA B 209 -31.69 -4.43 -13.97
N LEU B 210 -31.99 -4.64 -12.69
CA LEU B 210 -33.21 -5.34 -12.33
C LEU B 210 -34.32 -4.33 -12.40
N HIS B 211 -35.51 -4.78 -12.79
CA HIS B 211 -36.69 -3.94 -12.91
C HIS B 211 -36.64 -2.72 -11.99
N ASN B 212 -36.70 -2.96 -10.69
CA ASN B 212 -36.65 -1.86 -9.73
C ASN B 212 -35.32 -1.87 -9.02
N HIS B 213 -34.25 -2.13 -9.77
CA HIS B 213 -32.93 -2.17 -9.17
C HIS B 213 -32.97 -3.25 -8.09
N TYR B 214 -34.09 -3.98 -8.07
CA TYR B 214 -34.27 -5.04 -7.10
C TYR B 214 -34.90 -6.27 -7.72
N THR B 215 -34.48 -7.41 -7.18
CA THR B 215 -34.95 -8.72 -7.59
C THR B 215 -34.74 -9.61 -6.37
N GLN B 216 -35.43 -10.74 -6.33
CA GLN B 216 -35.28 -11.62 -5.20
C GLN B 216 -35.46 -13.02 -5.71
N LYS B 217 -34.85 -13.98 -5.05
CA LYS B 217 -34.97 -15.36 -5.48
C LYS B 217 -34.91 -16.10 -4.16
N SER B 218 -35.62 -17.22 -4.08
CA SER B 218 -35.65 -17.96 -2.83
C SER B 218 -35.30 -19.42 -2.93
N LEU B 219 -34.68 -19.90 -1.86
CA LEU B 219 -34.21 -21.26 -1.81
C LEU B 219 -34.74 -21.99 -0.60
N SER B 220 -35.27 -23.19 -0.82
CA SER B 220 -35.77 -24.02 0.26
C SER B 220 -35.54 -25.48 -0.13
N LEU B 221 -36.32 -26.41 0.43
CA LEU B 221 -36.13 -27.81 0.10
C LEU B 221 -37.21 -28.42 -0.79
N SER B 222 -36.92 -28.39 -2.09
CA SER B 222 -37.78 -28.89 -3.18
C SER B 222 -37.26 -28.35 -4.53
N ASP C 5 54.54 33.31 25.33
CA ASP C 5 54.01 33.65 23.97
C ASP C 5 52.61 33.05 23.83
N LEU C 6 51.81 33.55 22.88
CA LEU C 6 50.45 33.04 22.71
C LEU C 6 49.77 32.81 21.32
N PRO C 7 50.20 31.78 20.56
CA PRO C 7 49.52 31.59 19.26
C PRO C 7 48.26 30.75 19.57
N LYS C 8 47.96 29.71 18.78
CA LYS C 8 46.79 28.80 18.98
C LYS C 8 45.79 28.72 17.85
N ALA C 9 45.96 27.70 17.00
CA ALA C 9 45.10 27.51 15.84
C ALA C 9 43.62 27.66 16.14
N VAL C 10 42.79 27.32 15.16
CA VAL C 10 41.33 27.38 15.29
C VAL C 10 40.63 26.66 14.14
N VAL C 11 39.50 26.02 14.42
CA VAL C 11 38.79 25.31 13.36
C VAL C 11 37.41 25.85 13.16
N PHE C 12 37.05 25.95 11.89
CA PHE C 12 35.75 26.45 11.56
C PHE C 12 35.25 25.51 10.52
N LEU C 13 33.97 25.15 10.65
CA LEU C 13 33.31 24.28 9.69
C LEU C 13 32.53 25.24 8.86
N GLU C 14 32.22 24.83 7.64
CA GLU C 14 31.45 25.69 6.80
C GLU C 14 31.04 24.68 5.79
N PRO C 15 29.74 24.45 5.66
CA PRO C 15 28.61 25.05 6.36
C PRO C 15 28.53 24.72 7.85
N GLN C 16 28.14 25.75 8.61
CA GLN C 16 27.94 25.76 10.07
C GLN C 16 27.42 24.46 10.75
N TRP C 17 26.66 23.66 10.02
CA TRP C 17 26.13 22.44 10.60
C TRP C 17 27.22 21.45 10.91
N TYR C 18 27.27 21.04 12.16
CA TYR C 18 28.27 20.11 12.64
C TYR C 18 27.76 18.68 12.55
N SER C 19 26.51 18.51 12.13
CA SER C 19 25.90 17.18 12.02
C SER C 19 25.38 17.01 10.58
N VAL C 20 25.80 15.98 9.87
CA VAL C 20 25.34 15.90 8.50
C VAL C 20 25.17 14.51 7.98
N LEU C 21 24.63 14.44 6.76
CA LEU C 21 24.35 13.16 6.11
C LEU C 21 25.49 12.76 5.20
N GLU C 22 25.51 11.51 4.75
CA GLU C 22 26.58 11.10 3.86
C GLU C 22 26.38 11.79 2.53
N LYS C 23 27.34 11.63 1.61
CA LYS C 23 27.34 12.32 0.29
C LYS C 23 27.12 13.83 0.53
N ASP C 24 27.07 14.22 1.80
CA ASP C 24 26.91 15.60 2.18
C ASP C 24 28.35 16.07 2.17
N SER C 25 28.59 17.37 1.95
CA SER C 25 29.98 17.85 1.92
C SER C 25 30.30 18.98 2.85
N VAL C 26 31.51 18.95 3.42
CA VAL C 26 31.98 19.99 4.32
C VAL C 26 33.44 20.20 4.19
N THR C 27 33.85 21.35 4.72
CA THR C 27 35.23 21.82 4.73
C THR C 27 35.60 22.39 6.10
N LEU C 28 36.76 21.98 6.63
CA LEU C 28 37.20 22.48 7.92
C LEU C 28 38.43 23.34 7.64
N LYS C 29 38.31 24.63 7.91
CA LYS C 29 39.40 25.53 7.66
C LYS C 29 40.07 25.62 9.01
N CYS C 30 41.38 25.88 8.97
CA CYS C 30 42.25 26.00 10.14
C CYS C 30 42.91 27.35 10.14
N GLN C 31 42.41 28.23 10.98
CA GLN C 31 42.93 29.57 11.09
C GLN C 31 44.10 29.51 11.99
N GLY C 32 45.27 29.69 11.38
CA GLY C 32 46.51 29.64 12.13
C GLY C 32 47.59 30.55 11.62
N ALA C 33 48.65 30.69 12.40
CA ALA C 33 49.76 31.53 12.03
C ALA C 33 50.85 30.67 11.40
N TYR C 34 51.08 30.88 10.10
CA TYR C 34 52.11 30.13 9.37
C TYR C 34 53.46 30.81 9.61
N SER C 35 54.53 30.12 9.25
CA SER C 35 55.88 30.65 9.43
C SER C 35 56.85 29.94 8.48
N PRO C 36 57.82 30.70 7.91
CA PRO C 36 58.82 30.19 6.97
C PRO C 36 58.96 28.66 6.86
N GLU C 37 58.80 28.17 5.63
CA GLU C 37 58.86 26.74 5.29
C GLU C 37 57.61 26.02 5.77
N ASP C 38 57.19 26.38 6.99
CA ASP C 38 56.00 25.78 7.60
C ASP C 38 54.74 26.55 7.22
N ASN C 39 54.41 26.48 5.94
CA ASN C 39 53.20 27.11 5.42
C ASN C 39 52.22 25.95 5.46
N SER C 40 52.57 24.92 6.24
CA SER C 40 51.76 23.72 6.39
C SER C 40 50.97 23.59 7.68
N THR C 41 49.83 22.93 7.50
CA THR C 41 48.87 22.68 8.56
C THR C 41 48.76 21.21 8.68
N GLN C 42 48.52 20.74 9.90
CA GLN C 42 48.36 19.31 10.15
C GLN C 42 46.92 19.06 10.66
N TRP C 43 46.32 17.98 10.20
CA TRP C 43 44.97 17.65 10.60
C TRP C 43 44.91 16.39 11.44
N PHE C 44 44.18 16.52 12.53
CA PHE C 44 44.03 15.43 13.47
C PHE C 44 42.65 14.80 13.53
N HIS C 45 42.60 13.47 13.37
CA HIS C 45 41.31 12.81 13.44
C HIS C 45 41.15 12.06 14.74
N ASN C 46 40.50 12.73 15.65
CA ASN C 46 40.40 12.16 16.97
C ASN C 46 41.77 12.50 17.34
N GLU C 47 42.59 11.63 17.83
CA GLU C 47 43.86 12.28 18.07
C GLU C 47 44.92 11.65 17.19
N SER C 48 44.84 12.02 15.92
CA SER C 48 45.72 11.36 14.99
C SER C 48 46.04 12.14 13.72
N LEU C 49 47.32 12.15 13.34
CA LEU C 49 47.65 12.88 12.16
C LEU C 49 46.96 12.15 11.04
N ILE C 50 46.51 12.91 10.04
CA ILE C 50 45.86 12.39 8.86
C ILE C 50 46.49 13.15 7.68
N SER C 51 46.46 12.56 6.49
CA SER C 51 47.06 13.18 5.29
C SER C 51 46.81 14.68 5.12
N SER C 52 45.95 15.01 4.16
CA SER C 52 45.57 16.38 3.82
C SER C 52 46.28 17.41 4.67
N GLN C 53 47.21 18.10 4.04
CA GLN C 53 48.00 19.10 4.69
C GLN C 53 47.50 20.48 4.30
N ALA C 54 46.42 20.50 3.52
CA ALA C 54 45.81 21.75 3.04
C ALA C 54 45.68 22.78 4.14
N SER C 55 44.89 23.82 3.89
CA SER C 55 44.72 24.82 4.94
C SER C 55 43.26 24.67 5.30
N SER C 56 42.59 23.99 4.39
CA SER C 56 41.19 23.74 4.54
C SER C 56 41.03 22.28 4.13
N TYR C 57 40.61 21.47 5.08
CA TYR C 57 40.41 20.04 4.84
C TYR C 57 39.09 20.02 4.15
N PHE C 58 38.99 19.30 3.04
CA PHE C 58 37.72 19.29 2.37
C PHE C 58 37.14 17.92 2.20
N ILE C 59 35.90 17.75 2.65
CA ILE C 59 35.24 16.46 2.51
C ILE C 59 34.20 16.57 1.43
N ASP C 60 34.40 15.91 0.30
CA ASP C 60 33.42 16.00 -0.76
C ASP C 60 32.26 15.10 -0.36
N ALA C 61 32.46 13.80 -0.42
CA ALA C 61 31.42 12.86 -0.03
C ALA C 61 31.71 12.56 1.40
N ALA C 62 30.72 12.76 2.26
CA ALA C 62 30.94 12.49 3.66
C ALA C 62 30.62 11.02 3.87
N THR C 63 30.75 10.55 5.09
CA THR C 63 30.46 9.15 5.39
C THR C 63 30.73 8.97 6.88
N VAL C 64 30.14 7.98 7.53
CA VAL C 64 30.36 7.89 8.96
C VAL C 64 31.77 7.73 9.37
N ASN C 65 32.53 7.02 8.54
CA ASN C 65 33.94 6.78 8.84
C ASN C 65 34.47 8.19 9.12
N ASP C 66 34.00 9.14 8.32
CA ASP C 66 34.38 10.55 8.45
C ASP C 66 34.02 11.22 9.79
N SER C 67 33.11 10.63 10.56
CA SER C 67 32.71 11.24 11.83
C SER C 67 33.90 11.28 12.77
N GLY C 68 33.82 12.14 13.78
CA GLY C 68 34.93 12.23 14.72
C GLY C 68 35.29 13.61 15.21
N GLU C 69 36.46 13.72 15.85
CA GLU C 69 36.96 14.97 16.39
C GLU C 69 38.06 15.49 15.48
N TYR C 70 37.84 16.67 14.92
CA TYR C 70 38.81 17.27 14.03
C TYR C 70 39.41 18.47 14.74
N ARG C 71 40.74 18.44 14.89
CA ARG C 71 41.53 19.52 15.50
C ARG C 71 42.66 19.72 14.51
N CYS C 72 43.23 20.92 14.48
CA CYS C 72 44.36 21.21 13.59
C CYS C 72 45.42 22.01 14.30
N GLN C 73 46.53 22.20 13.63
CA GLN C 73 47.63 22.95 14.19
C GLN C 73 48.61 23.24 13.06
N THR C 74 49.19 24.44 13.06
CA THR C 74 50.13 24.84 12.02
C THR C 74 51.45 25.03 12.73
N ASN C 75 52.37 25.72 12.08
CA ASN C 75 53.63 25.93 12.76
C ASN C 75 53.48 26.89 13.89
N LEU C 76 53.86 28.14 13.68
CA LEU C 76 53.79 29.12 14.74
C LEU C 76 52.53 29.17 15.62
N SER C 77 51.56 28.30 15.30
CA SER C 77 50.28 28.20 16.01
C SER C 77 50.18 27.02 17.00
N THR C 78 49.41 27.14 18.08
CA THR C 78 49.26 26.03 19.02
C THR C 78 48.37 24.92 18.40
N LEU C 79 47.71 24.11 19.25
CA LEU C 79 46.84 23.03 18.74
C LEU C 79 45.35 23.20 18.91
N SER C 80 44.67 23.57 17.83
CA SER C 80 43.22 23.75 17.79
C SER C 80 42.41 22.99 18.84
N ASP C 81 41.50 23.67 19.52
CA ASP C 81 40.65 22.94 20.46
C ASP C 81 39.83 22.06 19.50
N PRO C 82 39.19 21.04 20.02
CA PRO C 82 38.39 20.18 19.16
C PRO C 82 37.10 20.79 18.63
N VAL C 83 36.68 20.22 17.52
CA VAL C 83 35.46 20.62 16.88
C VAL C 83 34.99 19.23 16.60
N GLN C 84 33.87 18.84 17.22
CA GLN C 84 33.35 17.49 17.01
C GLN C 84 32.42 17.61 15.83
N LEU C 85 32.26 16.50 15.10
CA LEU C 85 31.45 16.46 13.89
C LEU C 85 30.86 15.09 13.58
N GLU C 86 29.64 15.06 13.07
CA GLU C 86 29.10 13.77 12.75
C GLU C 86 28.23 13.57 11.52
N VAL C 87 28.51 12.47 10.87
CA VAL C 87 27.83 12.00 9.67
C VAL C 87 26.87 10.94 10.17
N HIS C 88 25.62 11.02 9.73
CA HIS C 88 24.58 10.07 10.10
C HIS C 88 23.98 9.50 8.83
N ILE C 89 23.43 8.29 8.86
CA ILE C 89 22.88 7.83 7.58
C ILE C 89 21.38 8.01 7.50
N GLY C 90 20.86 8.51 6.37
CA GLY C 90 19.41 8.67 6.25
C GLY C 90 18.89 9.51 5.11
N TRP C 91 17.58 9.71 5.00
CA TRP C 91 17.09 10.56 3.93
C TRP C 91 17.03 11.97 4.52
N LEU C 92 17.17 12.10 5.84
CA LEU C 92 17.15 13.44 6.41
C LEU C 92 17.63 13.55 7.84
N LEU C 93 18.07 14.73 8.21
CA LEU C 93 18.59 14.90 9.55
C LEU C 93 18.16 16.24 10.08
N LEU C 94 18.05 16.31 11.39
CA LEU C 94 17.60 17.53 12.00
C LEU C 94 18.79 18.36 12.35
N GLN C 95 18.93 19.51 11.73
CA GLN C 95 20.11 20.32 12.03
C GLN C 95 19.83 21.43 13.02
N ALA C 96 20.88 21.78 13.76
CA ALA C 96 20.83 22.84 14.74
C ALA C 96 22.27 22.99 15.18
N PRO C 97 22.61 24.16 15.73
CA PRO C 97 23.98 24.42 16.18
C PRO C 97 24.26 23.86 17.54
N ARG C 98 23.43 24.20 18.51
CA ARG C 98 23.64 23.65 19.83
C ARG C 98 22.35 22.90 20.04
N TRP C 99 22.21 22.23 21.18
CA TRP C 99 20.95 21.54 21.46
C TRP C 99 20.49 21.99 22.84
N VAL C 100 21.40 22.65 23.56
CA VAL C 100 21.14 23.17 24.91
C VAL C 100 20.94 24.68 24.80
N PHE C 101 19.68 25.09 24.73
CA PHE C 101 19.33 26.49 24.59
C PHE C 101 18.80 27.12 25.87
N LYS C 102 19.28 28.33 26.19
CA LYS C 102 18.86 29.08 27.37
C LYS C 102 17.39 29.51 27.21
N GLU C 103 16.70 29.74 28.34
CA GLU C 103 15.31 30.17 28.27
C GLU C 103 15.30 31.38 27.34
N GLU C 104 14.79 31.21 26.13
CA GLU C 104 14.71 32.31 25.16
C GLU C 104 15.98 32.54 24.32
N ASP C 105 16.15 31.74 23.26
CA ASP C 105 17.30 31.81 22.31
C ASP C 105 16.88 31.58 20.83
N PRO C 106 17.80 31.79 19.84
CA PRO C 106 17.54 31.61 18.40
C PRO C 106 17.58 30.20 17.79
N ILE C 107 16.59 29.38 18.13
CA ILE C 107 16.45 28.01 17.63
C ILE C 107 16.41 27.96 16.08
N HIS C 108 17.25 27.13 15.50
CA HIS C 108 17.27 27.01 14.07
C HIS C 108 17.25 25.53 13.70
N LEU C 109 16.05 25.01 13.52
CA LEU C 109 15.92 23.63 13.14
C LEU C 109 15.88 23.47 11.62
N ARG C 110 16.78 22.67 11.10
CA ARG C 110 16.79 22.44 9.67
C ARG C 110 16.44 20.96 9.41
N CYS C 111 15.44 20.72 8.56
CA CYS C 111 15.12 19.34 8.20
C CYS C 111 15.85 19.27 6.88
N HIS C 112 16.98 18.59 6.91
CA HIS C 112 17.84 18.47 5.74
C HIS C 112 17.62 17.12 5.10
N SER C 113 17.81 17.02 3.80
CA SER C 113 17.60 15.74 3.14
C SER C 113 18.79 15.12 2.40
N TRP C 114 18.95 13.80 2.53
CA TRP C 114 20.01 13.08 1.83
C TRP C 114 20.14 13.67 0.43
N LYS C 115 21.41 13.75 0.02
CA LYS C 115 21.89 14.30 -1.24
C LYS C 115 21.01 15.45 -1.59
N ASN C 116 20.62 16.19 -0.57
CA ASN C 116 19.68 17.29 -0.73
C ASN C 116 18.49 16.98 -1.67
N THR C 117 17.90 15.77 -1.61
CA THR C 117 16.76 15.47 -2.47
C THR C 117 15.65 16.44 -2.06
N ALA C 118 14.57 16.53 -2.82
CA ALA C 118 13.47 17.44 -2.48
C ALA C 118 12.48 16.97 -1.41
N LEU C 119 12.05 17.87 -0.56
CA LEU C 119 11.13 17.44 0.45
C LEU C 119 9.77 18.13 0.41
N HIS C 120 8.73 17.30 0.40
CA HIS C 120 7.33 17.68 0.36
C HIS C 120 6.79 17.82 1.77
N LYS C 121 5.51 18.15 1.88
CA LYS C 121 4.78 18.29 3.13
C LYS C 121 5.59 17.79 4.33
N VAL C 122 6.54 18.63 4.73
CA VAL C 122 7.51 18.37 5.81
C VAL C 122 7.01 18.71 7.18
N THR C 123 7.48 18.01 8.20
CA THR C 123 7.02 18.33 9.56
C THR C 123 8.12 18.30 10.59
N TYR C 124 8.04 19.24 11.52
CA TYR C 124 8.98 19.29 12.62
C TYR C 124 8.09 18.86 13.77
N LEU C 125 8.52 17.84 14.53
CA LEU C 125 7.74 17.28 15.67
C LEU C 125 8.51 17.21 16.96
N GLN C 126 7.88 16.57 17.94
CA GLN C 126 8.51 16.42 19.24
C GLN C 126 7.66 15.64 20.28
N ASN C 127 8.35 14.73 20.95
CA ASN C 127 7.74 13.89 21.95
C ASN C 127 6.73 13.09 21.16
N GLY C 128 6.67 13.37 19.86
CA GLY C 128 5.76 12.67 18.97
C GLY C 128 4.67 13.56 18.39
N LYS C 129 4.55 14.75 18.95
CA LYS C 129 3.52 15.68 18.50
C LYS C 129 3.87 16.60 17.32
N ASP C 130 3.14 16.46 16.22
CA ASP C 130 3.33 17.29 15.01
C ASP C 130 3.34 18.81 15.36
N ARG C 131 4.50 19.39 15.65
CA ARG C 131 4.62 20.83 15.96
C ARG C 131 4.30 21.72 14.76
N LYS C 132 5.27 21.93 13.86
CA LYS C 132 5.03 22.76 12.68
C LYS C 132 5.13 22.02 11.36
N TYR C 133 4.22 22.38 10.43
CA TYR C 133 4.15 21.78 9.08
C TYR C 133 4.29 22.77 7.93
N PHE C 134 5.10 22.40 6.94
CA PHE C 134 5.26 23.23 5.75
C PHE C 134 4.94 22.38 4.52
N HIS C 135 4.51 23.05 3.45
CA HIS C 135 4.22 22.35 2.19
C HIS C 135 5.56 21.99 1.55
N HIS C 136 6.24 22.99 0.97
CA HIS C 136 7.55 22.75 0.40
C HIS C 136 8.49 22.94 1.63
N ASN C 137 9.59 22.18 1.68
CA ASN C 137 10.47 22.20 2.84
C ASN C 137 10.92 23.55 3.30
N SER C 138 11.11 23.68 4.61
CA SER C 138 11.55 24.93 5.21
C SER C 138 12.26 24.73 6.52
N ASP C 139 13.12 25.68 6.88
CA ASP C 139 13.84 25.60 8.13
C ASP C 139 12.77 25.98 9.10
N PHE C 140 13.02 25.76 10.39
CA PHE C 140 12.04 26.05 11.43
C PHE C 140 12.64 26.91 12.53
N HIS C 141 12.22 28.16 12.62
CA HIS C 141 12.73 29.05 13.65
C HIS C 141 11.76 29.25 14.79
N ILE C 142 12.31 29.75 15.89
CA ILE C 142 11.59 30.08 17.12
C ILE C 142 12.50 31.17 17.70
N PRO C 143 12.10 32.46 17.55
CA PRO C 143 12.87 33.61 18.04
C PRO C 143 13.65 33.28 19.31
N LYS C 144 12.93 33.20 20.42
CA LYS C 144 13.53 32.86 21.70
C LYS C 144 12.80 31.61 22.15
N ALA C 145 13.55 30.55 22.38
CA ALA C 145 12.95 29.31 22.83
C ALA C 145 12.21 29.56 24.12
N THR C 146 11.53 28.53 24.60
CA THR C 146 10.78 28.65 25.84
C THR C 146 11.00 27.34 26.58
N LEU C 147 10.86 27.37 27.90
CA LEU C 147 11.10 26.16 28.67
C LEU C 147 10.03 25.13 28.38
N LYS C 148 8.78 25.57 28.26
CA LYS C 148 7.69 24.65 27.95
C LYS C 148 8.16 23.77 26.80
N ASP C 149 8.85 24.40 25.84
CA ASP C 149 9.37 23.75 24.64
C ASP C 149 10.27 22.53 24.71
N SER C 150 11.12 22.44 25.72
CA SER C 150 12.03 21.30 25.83
C SER C 150 11.39 20.00 25.40
N GLY C 151 12.15 19.17 24.69
CA GLY C 151 11.64 17.89 24.23
C GLY C 151 12.53 17.15 23.25
N SER C 152 11.92 16.17 22.57
CA SER C 152 12.57 15.30 21.58
C SER C 152 11.99 15.42 20.16
N TYR C 153 12.73 16.17 19.33
CA TYR C 153 12.36 16.50 17.95
C TYR C 153 12.83 15.61 16.80
N PHE C 154 12.18 15.83 15.67
CA PHE C 154 12.51 15.16 14.45
C PHE C 154 11.57 15.70 13.42
N CYS C 155 11.83 15.40 12.16
CA CYS C 155 10.98 15.87 11.10
C CYS C 155 10.73 14.72 10.15
N ARG C 156 9.86 14.97 9.17
CA ARG C 156 9.55 13.96 8.17
C ARG C 156 8.92 14.76 7.04
N GLY C 157 8.92 14.14 5.85
CA GLY C 157 8.35 14.77 4.64
C GLY C 157 8.17 13.83 3.46
N LEU C 158 8.21 14.38 2.23
CA LEU C 158 8.05 13.55 1.03
C LEU C 158 9.07 13.61 -0.11
N VAL C 159 9.58 12.44 -0.44
CA VAL C 159 10.51 12.36 -1.51
C VAL C 159 9.72 11.70 -2.66
N GLY C 160 8.98 12.55 -3.35
CA GLY C 160 8.15 12.04 -4.43
C GLY C 160 7.07 11.28 -3.70
N SER C 161 6.81 10.06 -4.15
CA SER C 161 5.79 9.29 -3.47
C SER C 161 6.33 8.87 -2.10
N LYS C 162 7.62 8.50 -2.03
CA LYS C 162 8.23 8.07 -0.76
C LYS C 162 8.06 9.01 0.41
N ASN C 163 7.83 8.44 1.57
CA ASN C 163 7.62 9.19 2.78
C ASN C 163 8.82 8.97 3.72
N VAL C 164 9.28 10.00 4.42
CA VAL C 164 10.44 9.82 5.31
C VAL C 164 10.60 10.68 6.58
N SER C 165 11.44 10.17 7.48
CA SER C 165 11.69 10.84 8.76
C SER C 165 13.08 10.68 9.33
N SER C 166 13.44 11.65 10.18
CA SER C 166 14.74 11.73 10.84
C SER C 166 14.83 11.00 12.16
N GLU C 167 16.06 10.69 12.56
CA GLU C 167 16.35 10.03 13.85
C GLU C 167 16.03 11.13 14.88
N THR C 168 15.37 10.78 15.97
CA THR C 168 14.98 11.75 17.01
C THR C 168 16.15 12.51 17.57
N VAL C 169 15.88 13.64 18.21
CA VAL C 169 16.94 14.45 18.83
C VAL C 169 16.42 15.19 20.06
N ASN C 170 17.30 15.42 21.03
CA ASN C 170 16.95 16.13 22.28
C ASN C 170 17.36 17.59 22.36
N ILE C 171 16.37 18.47 22.45
CA ILE C 171 16.66 19.90 22.61
C ILE C 171 16.52 20.09 24.11
N THR C 172 17.46 20.83 24.72
CA THR C 172 17.37 21.08 26.15
C THR C 172 17.27 22.57 26.49
N ILE C 173 16.11 22.95 27.04
CA ILE C 173 15.84 24.32 27.45
C ILE C 173 16.33 24.44 28.90
N THR C 174 17.39 25.23 29.10
CA THR C 174 17.94 25.44 30.43
C THR C 174 17.31 26.67 31.07
N GLN C 175 17.68 26.96 32.31
CA GLN C 175 17.15 28.11 33.03
C GLN C 175 18.16 29.27 33.02
N GLY C 176 18.98 29.30 31.97
CA GLY C 176 20.00 30.32 31.80
C GLY C 176 21.28 29.84 31.13
#